data_6U7U
#
_entry.id   6U7U
#
loop_
_entity.id
_entity.type
_entity.pdbx_description
1 polymer GLY-ARG-ALA-THR-LYS-SER-ILE-PRO-PRO-ARG-ALA-PHE-PRO-ASP
2 non-polymer 1-methyl-1H-1,2,3-triazole
#
_entity_poly.entity_id   1
_entity_poly.type   'polypeptide(L)'
_entity_poly.pdbx_seq_one_letter_code
;GRATKSIPPRAFPD
;
_entity_poly.pdbx_strand_id   A
#
loop_
_chem_comp.id
_chem_comp.type
_chem_comp.name
_chem_comp.formula
WMH non-polymer 1-methyl-1H-1,2,3-triazole 'C3 H5 N3'
#
# COMPACT_ATOMS: atom_id res chain seq x y z
N GLY A 1 7.17 1.62 -2.96
CA GLY A 1 7.32 1.28 -1.57
C GLY A 1 6.09 1.62 -0.75
N ARG A 2 5.28 2.53 -1.26
CA ARG A 2 4.07 2.95 -0.55
C ARG A 2 3.06 1.81 -0.40
N ALA A 3 2.79 1.46 0.82
CA ALA A 3 1.85 0.43 1.18
C ALA A 3 0.90 0.97 2.21
N THR A 4 -0.37 0.75 2.01
CA THR A 4 -1.36 1.26 2.93
C THR A 4 -1.50 0.34 4.12
N LYS A 5 -1.69 0.92 5.28
CA LYS A 5 -1.86 0.14 6.49
C LYS A 5 -3.31 -0.26 6.63
N SER A 6 -4.17 0.56 6.13
CA SER A 6 -5.58 0.29 6.18
C SER A 6 -6.06 -0.37 4.89
N ILE A 7 -7.23 -0.97 4.96
CA ILE A 7 -7.83 -1.61 3.81
C ILE A 7 -8.42 -0.55 2.86
N PRO A 8 -8.42 -0.80 1.55
CA PRO A 8 -7.80 -1.99 0.94
C PRO A 8 -6.27 -1.90 0.99
N PRO A 9 -5.57 -2.99 1.34
CA PRO A 9 -4.11 -2.99 1.38
C PRO A 9 -3.54 -2.86 -0.03
N ARG A 10 -3.13 -1.68 -0.37
CA ARG A 10 -2.66 -1.37 -1.68
C ARG A 10 -1.22 -0.99 -1.61
N ALA A 11 -0.43 -1.56 -2.48
CA ALA A 11 0.97 -1.27 -2.50
C ALA A 11 1.39 -0.81 -3.84
N PHE A 12 2.25 0.14 -3.84
CA PHE A 12 2.79 0.72 -5.04
C PHE A 12 4.25 0.32 -5.13
N PRO A 13 4.79 0.04 -6.34
CA PRO A 13 6.19 -0.47 -6.53
C PRO A 13 7.29 0.45 -5.93
N ASP A 14 6.94 1.68 -5.65
CA ASP A 14 7.87 2.63 -5.04
C ASP A 14 8.10 2.32 -3.57
N WMH B . 1.94 -2.73 0.43
C WMH B . 2.97 -1.81 0.65
C1 WMH B . 1.42 -3.06 -0.74
C2 WMH B . 0.41 -3.94 -0.50
N1 WMH B . 0.33 -4.14 0.82
N2 WMH B . 1.24 -3.43 1.41
H1 WMH B . 3.89 -2.32 0.80
H2 WMH B . 3.07 -1.24 -0.27
H5 WMH B . -0.21 -4.39 -1.25
N GLY A 1 7.55 1.82 -3.01
CA GLY A 1 7.72 1.74 -1.59
C GLY A 1 6.58 2.42 -0.90
N ARG A 2 5.41 1.87 -1.08
CA ARG A 2 4.20 2.44 -0.55
C ARG A 2 3.13 1.38 -0.37
N ALA A 3 2.82 1.11 0.84
CA ALA A 3 1.80 0.17 1.25
C ALA A 3 0.91 0.80 2.27
N THR A 4 -0.37 0.63 2.13
CA THR A 4 -1.29 1.20 3.06
C THR A 4 -1.47 0.30 4.27
N LYS A 5 -1.64 0.90 5.41
CA LYS A 5 -1.89 0.18 6.62
C LYS A 5 -3.37 -0.16 6.66
N SER A 6 -4.18 0.76 6.18
CA SER A 6 -5.60 0.59 6.14
C SER A 6 -6.02 -0.19 4.89
N ILE A 7 -7.18 -0.81 4.94
CA ILE A 7 -7.68 -1.56 3.83
C ILE A 7 -8.40 -0.63 2.85
N PRO A 8 -8.47 -0.99 1.56
CA PRO A 8 -7.85 -2.20 1.01
C PRO A 8 -6.33 -2.04 0.96
N PRO A 9 -5.57 -3.13 1.13
CA PRO A 9 -4.12 -3.09 1.02
C PRO A 9 -3.66 -2.63 -0.36
N ARG A 10 -3.28 -1.40 -0.43
CA ARG A 10 -2.86 -0.78 -1.65
C ARG A 10 -1.35 -0.70 -1.62
N ALA A 11 -0.70 -1.48 -2.46
CA ALA A 11 0.75 -1.47 -2.48
C ALA A 11 1.26 -1.10 -3.84
N PHE A 12 2.21 -0.23 -3.86
CA PHE A 12 2.77 0.30 -5.07
C PHE A 12 4.29 0.10 -5.06
N PRO A 13 4.90 -0.15 -6.25
CA PRO A 13 6.35 -0.47 -6.38
C PRO A 13 7.30 0.70 -6.11
N ASP A 14 6.79 1.74 -5.53
CA ASP A 14 7.57 2.90 -5.16
C ASP A 14 7.81 2.93 -3.67
N WMH B . 1.51 -2.95 0.51
C WMH B . 2.64 -2.18 0.70
C1 WMH B . 0.92 -3.24 -0.63
C2 WMH B . -0.19 -3.98 -0.35
N1 WMH B . -0.26 -4.13 0.97
N2 WMH B . 0.73 -3.53 1.53
H1 WMH B . 3.50 -2.81 0.83
H2 WMH B . 2.79 -1.64 -0.23
H5 WMH B . -0.90 -4.37 -1.07
N GLY A 1 7.53 1.50 -3.14
CA GLY A 1 7.73 1.08 -1.77
C GLY A 1 6.70 1.63 -0.82
N ARG A 2 5.48 1.77 -1.25
CA ARG A 2 4.44 2.30 -0.38
C ARG A 2 3.38 1.25 -0.20
N ALA A 3 2.89 1.10 0.99
CA ALA A 3 1.84 0.15 1.31
C ALA A 3 0.89 0.74 2.31
N THR A 4 -0.39 0.59 2.07
CA THR A 4 -1.38 1.17 2.92
C THR A 4 -1.68 0.31 4.13
N LYS A 5 -1.73 0.94 5.29
CA LYS A 5 -2.13 0.28 6.49
C LYS A 5 -3.65 0.23 6.55
N SER A 6 -4.29 1.15 5.85
CA SER A 6 -5.70 1.16 5.75
C SER A 6 -6.12 0.17 4.66
N ILE A 7 -7.13 -0.60 4.94
CA ILE A 7 -7.60 -1.59 4.00
C ILE A 7 -8.52 -0.95 2.97
N PRO A 8 -8.59 -1.50 1.74
CA PRO A 8 -7.83 -2.69 1.31
C PRO A 8 -6.33 -2.38 1.17
N PRO A 9 -5.46 -3.40 1.34
CA PRO A 9 -4.02 -3.23 1.22
C PRO A 9 -3.60 -2.89 -0.21
N ARG A 10 -3.27 -1.65 -0.41
CA ARG A 10 -2.87 -1.13 -1.68
C ARG A 10 -1.40 -0.83 -1.61
N ALA A 11 -0.64 -1.37 -2.53
CA ALA A 11 0.77 -1.15 -2.49
C ALA A 11 1.22 -0.54 -3.78
N PHE A 12 2.27 0.23 -3.69
CA PHE A 12 2.80 0.98 -4.80
C PHE A 12 4.24 0.57 -5.02
N PRO A 13 4.66 0.43 -6.29
CA PRO A 13 6.01 -0.07 -6.68
C PRO A 13 7.18 0.81 -6.24
N ASP A 14 6.92 1.94 -5.63
CA ASP A 14 8.00 2.77 -5.14
C ASP A 14 8.24 2.50 -3.66
N WMH B . 1.63 -2.94 0.34
C WMH B . 2.74 -2.16 0.69
C1 WMH B . 1.11 -3.11 -0.87
C2 WMH B . 0.04 -3.94 -0.74
N1 WMH B . -0.08 -4.26 0.54
N2 WMH B . 0.85 -3.69 1.22
H1 WMH B . 3.59 -2.80 0.84
H2 WMH B . 2.95 -1.56 -0.19
H5 WMH B . -0.60 -4.27 -1.55
N GLY A 1 7.49 2.00 -2.93
CA GLY A 1 7.62 1.88 -1.51
C GLY A 1 6.41 2.46 -0.87
N ARG A 2 5.27 1.88 -1.17
CA ARG A 2 4.04 2.40 -0.69
C ARG A 2 3.08 1.27 -0.46
N ALA A 3 2.69 1.10 0.76
CA ALA A 3 1.70 0.12 1.13
C ALA A 3 0.77 0.73 2.13
N THR A 4 -0.50 0.56 1.92
CA THR A 4 -1.46 1.09 2.82
C THR A 4 -1.74 0.08 3.92
N LYS A 5 -1.66 0.53 5.13
CA LYS A 5 -1.92 -0.30 6.28
C LYS A 5 -3.41 -0.38 6.47
N SER A 6 -4.06 0.70 6.14
CA SER A 6 -5.47 0.81 6.17
C SER A 6 -6.07 0.06 4.97
N ILE A 7 -7.17 -0.61 5.17
CA ILE A 7 -7.79 -1.35 4.10
C ILE A 7 -8.55 -0.41 3.16
N PRO A 8 -8.57 -0.70 1.86
CA PRO A 8 -7.91 -1.88 1.26
C PRO A 8 -6.37 -1.72 1.19
N PRO A 9 -5.61 -2.81 1.47
CA PRO A 9 -4.16 -2.79 1.40
C PRO A 9 -3.68 -2.81 -0.06
N ARG A 10 -3.25 -1.67 -0.52
CA ARG A 10 -2.77 -1.51 -1.87
C ARG A 10 -1.31 -1.17 -1.80
N ALA A 11 -0.51 -1.82 -2.61
CA ALA A 11 0.90 -1.58 -2.59
C ALA A 11 1.37 -1.15 -3.95
N PHE A 12 2.38 -0.33 -3.95
CA PHE A 12 2.94 0.22 -5.16
C PHE A 12 4.47 0.12 -5.09
N PRO A 13 5.13 -0.05 -6.26
CA PRO A 13 6.59 -0.30 -6.35
C PRO A 13 7.48 0.91 -5.99
N ASP A 14 6.90 1.95 -5.44
CA ASP A 14 7.66 3.13 -5.04
C ASP A 14 7.90 3.08 -3.54
N WMH B . 1.68 -3.03 0.40
C WMH B . 2.73 -2.19 0.69
C1 WMH B . 1.21 -3.36 -0.79
C2 WMH B . 0.16 -4.20 -0.61
N1 WMH B . 0.00 -4.40 0.69
N2 WMH B . 0.88 -3.71 1.34
H1 WMH B . 3.61 -2.76 0.90
H2 WMH B . 2.94 -1.65 -0.23
H5 WMH B . -0.43 -4.64 -1.40
N GLY A 1 7.44 1.89 -3.21
CA GLY A 1 7.64 1.61 -1.83
C GLY A 1 6.59 2.20 -0.96
N ARG A 2 5.35 1.95 -1.29
CA ARG A 2 4.24 2.47 -0.52
C ARG A 2 3.31 1.32 -0.25
N ALA A 3 2.70 1.30 0.89
CA ALA A 3 1.77 0.26 1.28
C ALA A 3 0.75 0.82 2.23
N THR A 4 -0.49 0.52 2.00
CA THR A 4 -1.52 1.00 2.85
C THR A 4 -1.70 0.06 4.02
N LYS A 5 -1.70 0.64 5.20
CA LYS A 5 -1.88 -0.09 6.42
C LYS A 5 -3.39 -0.09 6.74
N SER A 6 -4.11 0.58 5.89
CA SER A 6 -5.52 0.65 5.96
C SER A 6 -6.12 -0.10 4.79
N ILE A 7 -7.31 -0.60 4.96
CA ILE A 7 -8.00 -1.30 3.91
C ILE A 7 -8.53 -0.30 2.88
N PRO A 8 -8.50 -0.64 1.58
CA PRO A 8 -7.96 -1.92 1.10
C PRO A 8 -6.42 -1.88 1.09
N PRO A 9 -5.75 -2.98 1.50
CA PRO A 9 -4.30 -3.07 1.49
C PRO A 9 -3.76 -3.09 0.05
N ARG A 10 -3.20 -2.00 -0.34
CA ARG A 10 -2.64 -1.82 -1.65
C ARG A 10 -1.23 -1.36 -1.51
N ALA A 11 -0.39 -1.73 -2.43
CA ALA A 11 0.99 -1.35 -2.37
C ALA A 11 1.42 -0.79 -3.69
N PHE A 12 2.38 0.06 -3.66
CA PHE A 12 2.86 0.71 -4.83
C PHE A 12 4.35 0.44 -4.99
N PRO A 13 4.82 0.18 -6.24
CA PRO A 13 6.22 -0.23 -6.53
C PRO A 13 7.30 0.72 -6.01
N ASP A 14 6.96 1.98 -5.80
CA ASP A 14 7.96 2.95 -5.32
C ASP A 14 8.18 2.81 -3.81
N WMH B . 1.97 -2.87 0.59
C WMH B . 2.96 -1.97 0.90
C1 WMH B . 1.49 -3.16 -0.61
C2 WMH B . 0.51 -4.07 -0.46
N1 WMH B . 0.38 -4.34 0.84
N2 WMH B . 1.23 -3.65 1.51
H1 WMH B . 3.88 -2.50 1.11
H2 WMH B . 3.15 -1.42 0.00
H5 WMH B . -0.08 -4.49 -1.25
N GLY A 1 7.45 1.46 -3.16
CA GLY A 1 7.80 0.87 -1.89
C GLY A 1 6.93 1.38 -0.76
N ARG A 2 5.70 1.66 -1.06
CA ARG A 2 4.76 2.16 -0.08
C ARG A 2 3.46 1.40 -0.13
N ALA A 3 2.97 1.06 1.03
CA ALA A 3 1.76 0.30 1.20
C ALA A 3 0.82 1.01 2.16
N THR A 4 -0.45 0.83 1.98
CA THR A 4 -1.40 1.43 2.87
C THR A 4 -1.61 0.52 4.07
N LYS A 5 -1.80 1.10 5.23
CA LYS A 5 -2.12 0.33 6.40
C LYS A 5 -3.62 0.17 6.47
N SER A 6 -4.30 0.95 5.67
CA SER A 6 -5.71 0.93 5.55
C SER A 6 -6.12 -0.24 4.66
N ILE A 7 -7.28 -0.80 4.91
CA ILE A 7 -7.81 -1.84 4.08
C ILE A 7 -8.75 -1.23 3.04
N PRO A 8 -8.71 -1.68 1.77
CA PRO A 8 -7.80 -2.73 1.31
C PRO A 8 -6.35 -2.23 1.18
N PRO A 9 -5.37 -3.09 1.48
CA PRO A 9 -3.97 -2.72 1.39
C PRO A 9 -3.51 -2.56 -0.06
N ARG A 10 -3.24 -1.34 -0.42
CA ARG A 10 -2.74 -1.02 -1.73
C ARG A 10 -1.27 -0.85 -1.63
N ALA A 11 -0.53 -1.48 -2.50
CA ALA A 11 0.88 -1.32 -2.47
C ALA A 11 1.35 -0.76 -3.77
N PHE A 12 2.21 0.19 -3.66
CA PHE A 12 2.70 0.89 -4.80
C PHE A 12 4.16 0.54 -5.03
N PRO A 13 4.58 0.42 -6.31
CA PRO A 13 5.93 -0.04 -6.70
C PRO A 13 7.07 0.87 -6.25
N ASP A 14 6.76 1.99 -5.64
CA ASP A 14 7.78 2.87 -5.10
C ASP A 14 8.22 2.38 -3.72
N WMH B . 1.56 -3.00 0.36
C WMH B . 2.56 -2.10 0.71
C1 WMH B . 1.14 -3.27 -0.85
C2 WMH B . 0.12 -4.17 -0.75
N1 WMH B . -0.04 -4.45 0.55
N2 WMH B . 0.80 -3.78 1.24
H1 WMH B . 3.47 -2.63 0.91
H2 WMH B . 2.74 -1.52 -0.18
H5 WMH B . -0.43 -4.59 -1.57
N GLY A 1 7.27 1.67 -2.93
CA GLY A 1 7.34 1.15 -1.59
C GLY A 1 6.27 1.71 -0.71
N ARG A 2 5.08 1.88 -1.26
CA ARG A 2 3.98 2.41 -0.50
C ARG A 2 2.91 1.36 -0.34
N ALA A 3 2.77 0.86 0.83
CA ALA A 3 1.75 -0.08 1.16
C ALA A 3 0.81 0.54 2.15
N THR A 4 -0.46 0.41 1.92
CA THR A 4 -1.45 1.02 2.77
C THR A 4 -1.65 0.24 4.06
N LYS A 5 -1.66 0.93 5.18
CA LYS A 5 -1.89 0.32 6.47
C LYS A 5 -3.39 0.16 6.70
N SER A 6 -4.15 1.03 6.07
CA SER A 6 -5.57 0.98 6.14
C SER A 6 -6.09 0.07 5.03
N ILE A 7 -7.35 -0.30 5.08
CA ILE A 7 -7.89 -1.16 4.07
C ILE A 7 -8.39 -0.34 2.88
N PRO A 8 -8.28 -0.87 1.67
CA PRO A 8 -7.68 -2.17 1.39
C PRO A 8 -6.15 -2.05 1.20
N PRO A 9 -5.41 -3.14 1.45
CA PRO A 9 -3.96 -3.15 1.28
C PRO A 9 -3.56 -3.12 -0.19
N ARG A 10 -3.10 -1.98 -0.62
CA ARG A 10 -2.65 -1.76 -1.96
C ARG A 10 -1.23 -1.32 -1.88
N ALA A 11 -0.40 -1.90 -2.68
CA ALA A 11 0.99 -1.57 -2.64
C ALA A 11 1.42 -0.98 -3.94
N PHE A 12 2.29 -0.01 -3.83
CA PHE A 12 2.76 0.71 -4.98
C PHE A 12 4.26 0.55 -5.12
N PRO A 13 4.76 0.51 -6.38
CA PRO A 13 6.17 0.26 -6.75
C PRO A 13 7.22 0.98 -5.89
N ASP A 14 7.00 2.25 -5.56
CA ASP A 14 8.01 3.03 -4.81
C ASP A 14 8.09 2.62 -3.33
N WMH B . 1.84 -3.21 0.25
C WMH B . 2.83 -2.31 0.59
C1 WMH B . 1.40 -3.45 -0.98
C2 WMH B . 0.39 -4.37 -0.87
N1 WMH B . 0.23 -4.67 0.41
N2 WMH B . 1.08 -4.00 1.12
H1 WMH B . 3.76 -2.83 0.76
H2 WMH B . 2.98 -1.68 -0.26
H5 WMH B . -0.18 -4.78 -1.69
N GLY A 1 7.51 1.28 -3.23
CA GLY A 1 7.65 1.02 -1.81
C GLY A 1 6.76 1.91 -1.00
N ARG A 2 5.49 1.69 -1.08
CA ARG A 2 4.53 2.48 -0.36
C ARG A 2 3.34 1.61 -0.12
N ALA A 3 3.01 1.40 1.11
CA ALA A 3 1.91 0.54 1.46
C ALA A 3 1.01 1.20 2.44
N THR A 4 -0.25 1.13 2.19
CA THR A 4 -1.22 1.65 3.07
C THR A 4 -1.61 0.56 4.06
N LYS A 5 -1.82 0.95 5.28
CA LYS A 5 -2.18 0.00 6.30
C LYS A 5 -3.67 -0.19 6.31
N SER A 6 -4.39 0.75 5.72
CA SER A 6 -5.81 0.69 5.61
C SER A 6 -6.21 -0.36 4.57
N ILE A 7 -7.19 -1.15 4.90
CA ILE A 7 -7.63 -2.23 4.05
C ILE A 7 -8.83 -1.75 3.18
N PRO A 8 -8.89 -2.12 1.87
CA PRO A 8 -7.88 -2.95 1.18
C PRO A 8 -6.56 -2.20 0.99
N PRO A 9 -5.44 -2.82 1.37
CA PRO A 9 -4.14 -2.18 1.31
C PRO A 9 -3.66 -1.99 -0.12
N ARG A 10 -3.14 -0.83 -0.41
CA ARG A 10 -2.65 -0.52 -1.71
C ARG A 10 -1.16 -0.39 -1.61
N ALA A 11 -0.46 -1.20 -2.34
CA ALA A 11 0.96 -1.16 -2.30
C ALA A 11 1.51 -0.73 -3.61
N PHE A 12 2.30 0.27 -3.56
CA PHE A 12 2.85 0.89 -4.72
C PHE A 12 4.18 0.23 -5.06
N PRO A 13 4.57 0.21 -6.35
CA PRO A 13 5.83 -0.40 -6.80
C PRO A 13 7.08 0.36 -6.32
N ASP A 14 6.89 1.55 -5.78
CA ASP A 14 8.02 2.36 -5.30
C ASP A 14 8.22 2.21 -3.81
N WMH B . 1.56 -2.60 0.68
C WMH B . 2.68 -1.83 0.93
C1 WMH B . 1.07 -2.93 -0.50
C2 WMH B . -0.06 -3.67 -0.30
N1 WMH B . -0.23 -3.78 1.01
N2 WMH B . 0.71 -3.16 1.63
H1 WMH B . 3.55 -2.46 1.07
H2 WMH B . 2.86 -1.27 0.03
H5 WMH B . -0.68 -4.09 -1.07
N GLY A 1 7.23 1.36 -2.88
CA GLY A 1 7.25 0.99 -1.50
C GLY A 1 6.06 1.52 -0.73
N ARG A 2 5.24 2.32 -1.40
CA ARG A 2 4.06 2.89 -0.78
C ARG A 2 3.03 1.78 -0.52
N ALA A 3 2.67 1.63 0.74
CA ALA A 3 1.72 0.63 1.18
C ALA A 3 0.80 1.23 2.19
N THR A 4 -0.47 0.92 2.08
CA THR A 4 -1.46 1.40 3.00
C THR A 4 -1.41 0.64 4.30
N LYS A 5 -1.69 1.31 5.39
CA LYS A 5 -1.74 0.66 6.68
C LYS A 5 -3.10 0.03 6.86
N SER A 6 -4.07 0.58 6.17
CA SER A 6 -5.42 0.15 6.27
C SER A 6 -5.83 -0.60 5.00
N ILE A 7 -6.95 -1.28 5.08
CA ILE A 7 -7.48 -2.01 3.95
C ILE A 7 -8.47 -1.11 3.18
N PRO A 8 -8.66 -1.33 1.86
CA PRO A 8 -7.97 -2.39 1.10
C PRO A 8 -6.48 -2.10 0.93
N PRO A 9 -5.63 -3.14 0.98
CA PRO A 9 -4.19 -2.99 0.82
C PRO A 9 -3.83 -2.47 -0.57
N ARG A 10 -3.30 -1.29 -0.62
CA ARG A 10 -2.88 -0.73 -1.86
C ARG A 10 -1.40 -0.51 -1.80
N ALA A 11 -0.66 -1.26 -2.59
CA ALA A 11 0.76 -1.13 -2.58
C ALA A 11 1.30 -0.76 -3.94
N PHE A 12 2.31 0.04 -3.92
CA PHE A 12 2.96 0.55 -5.10
C PHE A 12 4.40 0.11 -5.11
N PRO A 13 5.02 -0.02 -6.31
CA PRO A 13 6.40 -0.52 -6.47
C PRO A 13 7.47 0.39 -5.87
N ASP A 14 7.08 1.59 -5.46
CA ASP A 14 8.04 2.50 -4.84
C ASP A 14 8.13 2.21 -3.35
N WMH B . 1.56 -2.48 0.52
C WMH B . 2.70 -1.69 0.72
C1 WMH B . 1.01 -2.80 -0.64
C2 WMH B . -0.11 -3.52 -0.37
N1 WMH B . -0.22 -3.66 0.95
N2 WMH B . 0.77 -3.04 1.52
H1 WMH B . 3.53 -2.33 0.95
H2 WMH B . 2.91 -1.18 -0.21
H5 WMH B . -0.79 -3.94 -1.11
N GLY A 1 7.33 1.43 -2.97
CA GLY A 1 7.44 1.04 -1.60
C GLY A 1 6.20 1.36 -0.81
N ARG A 2 5.39 2.27 -1.32
CA ARG A 2 4.16 2.67 -0.65
C ARG A 2 3.18 1.52 -0.49
N ALA A 3 2.71 1.37 0.71
CA ALA A 3 1.69 0.42 1.09
C ALA A 3 0.85 1.07 2.15
N THR A 4 -0.44 0.98 2.04
CA THR A 4 -1.32 1.56 3.02
C THR A 4 -1.63 0.55 4.11
N LYS A 5 -1.82 1.03 5.32
CA LYS A 5 -2.09 0.15 6.43
C LYS A 5 -3.58 -0.18 6.53
N SER A 6 -4.40 0.70 6.00
CA SER A 6 -5.82 0.50 6.01
C SER A 6 -6.23 -0.45 4.88
N ILE A 7 -7.22 -1.28 5.12
CA ILE A 7 -7.66 -2.23 4.11
C ILE A 7 -8.67 -1.58 3.15
N PRO A 8 -8.62 -1.91 1.85
CA PRO A 8 -7.63 -2.82 1.26
C PRO A 8 -6.27 -2.14 1.11
N PRO A 9 -5.18 -2.78 1.53
CA PRO A 9 -3.85 -2.21 1.42
C PRO A 9 -3.44 -2.03 -0.03
N ARG A 10 -3.17 -0.81 -0.40
CA ARG A 10 -2.78 -0.49 -1.72
C ARG A 10 -1.30 -0.35 -1.73
N ALA A 11 -0.64 -1.02 -2.64
CA ALA A 11 0.78 -0.97 -2.67
C ALA A 11 1.25 -0.51 -4.00
N PHE A 12 2.28 0.23 -3.97
CA PHE A 12 2.88 0.82 -5.13
C PHE A 12 4.34 0.33 -5.15
N PRO A 13 4.87 -0.05 -6.33
CA PRO A 13 6.24 -0.61 -6.50
C PRO A 13 7.38 0.23 -5.89
N ASP A 14 7.13 1.52 -5.66
CA ASP A 14 8.13 2.40 -5.04
C ASP A 14 8.34 2.02 -3.58
N WMH B . 1.48 -2.70 0.19
C WMH B . 2.60 -1.93 0.51
C1 WMH B . 0.97 -2.90 -1.01
C2 WMH B . -0.11 -3.70 -0.88
N1 WMH B . -0.26 -3.98 0.41
N2 WMH B . 0.67 -3.40 1.09
H1 WMH B . 3.45 -2.58 0.68
H2 WMH B . 2.83 -1.36 -0.38
H5 WMH B . -0.75 -4.05 -1.68
N GLY A 1 7.23 1.77 -2.88
CA GLY A 1 7.30 1.49 -1.48
C GLY A 1 6.00 1.80 -0.78
N ARG A 2 5.11 2.51 -1.47
CA ARG A 2 3.82 2.84 -0.91
C ARG A 2 2.99 1.62 -0.62
N ALA A 3 2.55 1.53 0.59
CA ALA A 3 1.69 0.50 1.08
C ALA A 3 0.78 1.09 2.09
N THR A 4 -0.48 0.77 1.98
CA THR A 4 -1.43 1.21 2.94
C THR A 4 -1.52 0.19 4.04
N LYS A 5 -1.61 0.66 5.25
CA LYS A 5 -1.74 -0.23 6.39
C LYS A 5 -3.19 -0.28 6.84
N SER A 6 -4.03 0.28 6.01
CA SER A 6 -5.44 0.30 6.22
C SER A 6 -6.12 -0.46 5.08
N ILE A 7 -7.41 -0.62 5.14
CA ILE A 7 -8.13 -1.30 4.09
C ILE A 7 -8.48 -0.34 2.94
N PRO A 8 -8.27 -0.75 1.69
CA PRO A 8 -7.70 -2.04 1.34
C PRO A 8 -6.16 -1.95 1.24
N PRO A 9 -5.44 -3.09 1.36
CA PRO A 9 -3.99 -3.11 1.19
C PRO A 9 -3.61 -2.80 -0.25
N ARG A 10 -3.20 -1.59 -0.48
CA ARG A 10 -2.86 -1.10 -1.77
C ARG A 10 -1.39 -0.77 -1.76
N ALA A 11 -0.62 -1.46 -2.57
CA ALA A 11 0.79 -1.24 -2.58
C ALA A 11 1.28 -0.88 -3.96
N PHE A 12 2.35 -0.13 -3.99
CA PHE A 12 2.97 0.34 -5.19
C PHE A 12 4.47 0.05 -5.10
N PRO A 13 5.16 -0.15 -6.25
CA PRO A 13 6.58 -0.54 -6.29
C PRO A 13 7.56 0.53 -5.76
N ASP A 14 7.05 1.72 -5.47
CA ASP A 14 7.90 2.79 -4.94
C ASP A 14 8.07 2.61 -3.44
N WMH B . 1.70 -2.60 0.47
C WMH B . 2.81 -1.77 0.67
C1 WMH B . 1.14 -2.91 -0.67
C2 WMH B . 0.06 -3.69 -0.39
N1 WMH B . -0.02 -3.84 0.92
N2 WMH B . 0.96 -3.21 1.47
H1 WMH B . 3.66 -2.38 0.91
H2 WMH B . 3.02 -1.28 -0.27
H5 WMH B . -0.62 -4.11 -1.12
N GLY A 1 7.45 1.94 -3.07
CA GLY A 1 7.63 1.98 -1.63
C GLY A 1 6.40 2.43 -0.87
N ARG A 2 5.23 2.10 -1.37
CA ARG A 2 4.00 2.52 -0.71
C ARG A 2 3.12 1.33 -0.43
N ALA A 3 2.59 1.29 0.76
CA ALA A 3 1.63 0.28 1.20
C ALA A 3 0.74 0.88 2.23
N THR A 4 -0.53 0.66 2.11
CA THR A 4 -1.46 1.19 3.07
C THR A 4 -1.68 0.20 4.19
N LYS A 5 -1.55 0.66 5.43
CA LYS A 5 -1.84 -0.16 6.59
C LYS A 5 -3.36 -0.25 6.75
N SER A 6 -4.05 0.54 5.97
CA SER A 6 -5.46 0.60 5.92
C SER A 6 -5.95 -0.32 4.82
N ILE A 7 -7.10 -0.90 5.01
CA ILE A 7 -7.70 -1.76 4.01
C ILE A 7 -8.62 -0.93 3.11
N PRO A 8 -8.65 -1.22 1.79
CA PRO A 8 -7.86 -2.29 1.17
C PRO A 8 -6.37 -1.94 1.06
N PRO A 9 -5.48 -2.92 1.26
CA PRO A 9 -4.04 -2.72 1.14
C PRO A 9 -3.63 -2.39 -0.29
N ARG A 10 -3.31 -1.16 -0.51
CA ARG A 10 -2.89 -0.69 -1.80
C ARG A 10 -1.41 -0.52 -1.76
N ALA A 11 -0.70 -1.27 -2.55
CA ALA A 11 0.73 -1.18 -2.55
C ALA A 11 1.24 -0.77 -3.88
N PHE A 12 2.31 -0.06 -3.86
CA PHE A 12 2.92 0.45 -5.03
C PHE A 12 4.42 0.14 -4.94
N PRO A 13 5.02 -0.31 -6.05
CA PRO A 13 6.43 -0.80 -6.09
C PRO A 13 7.48 0.27 -5.81
N ASP A 14 7.06 1.49 -5.64
CA ASP A 14 7.97 2.59 -5.34
C ASP A 14 8.14 2.76 -3.84
N WMH B . 1.44 -2.81 0.39
C WMH B . 2.58 -2.05 0.67
C1 WMH B . 0.91 -3.03 -0.80
C2 WMH B . -0.19 -3.79 -0.62
N1 WMH B . -0.33 -4.02 0.67
N2 WMH B . 0.62 -3.46 1.32
H1 WMH B . 3.40 -2.72 0.89
H2 WMH B . 2.82 -1.52 -0.23
H5 WMH B . -0.85 -4.14 -1.40
N GLY A 1 7.45 1.94 -3.23
CA GLY A 1 7.84 1.71 -1.86
C GLY A 1 6.88 2.28 -0.86
N ARG A 2 5.63 1.95 -1.01
CA ARG A 2 4.59 2.37 -0.10
C ARG A 2 3.44 1.37 -0.10
N ALA A 3 2.85 1.20 1.04
CA ALA A 3 1.77 0.24 1.25
C ALA A 3 0.76 0.82 2.20
N THR A 4 -0.49 0.71 1.88
CA THR A 4 -1.50 1.16 2.77
C THR A 4 -1.80 0.07 3.79
N LYS A 5 -1.71 0.41 5.05
CA LYS A 5 -2.08 -0.52 6.09
C LYS A 5 -3.57 -0.43 6.30
N SER A 6 -4.12 0.67 5.81
CA SER A 6 -5.51 0.90 5.81
C SER A 6 -6.13 0.05 4.73
N ILE A 7 -7.30 -0.46 4.97
CA ILE A 7 -7.95 -1.30 4.00
C ILE A 7 -8.54 -0.44 2.87
N PRO A 8 -8.42 -0.88 1.61
CA PRO A 8 -7.76 -2.13 1.24
C PRO A 8 -6.24 -1.93 1.16
N PRO A 9 -5.45 -2.94 1.59
CA PRO A 9 -4.00 -2.86 1.51
C PRO A 9 -3.53 -2.83 0.06
N ARG A 10 -3.17 -1.67 -0.39
CA ARG A 10 -2.70 -1.44 -1.72
C ARG A 10 -1.25 -1.11 -1.65
N ALA A 11 -0.47 -1.76 -2.45
CA ALA A 11 0.92 -1.52 -2.43
C ALA A 11 1.38 -0.98 -3.73
N PHE A 12 2.18 0.01 -3.63
CA PHE A 12 2.68 0.69 -4.77
C PHE A 12 4.17 0.39 -4.85
N PRO A 13 4.66 -0.01 -6.03
CA PRO A 13 6.06 -0.42 -6.26
C PRO A 13 7.09 0.69 -6.04
N ASP A 14 6.65 1.88 -5.71
CA ASP A 14 7.56 2.97 -5.41
C ASP A 14 7.98 2.92 -3.94
N WMH B . 1.71 -2.97 0.50
C WMH B . 2.73 -2.08 0.77
C1 WMH B . 1.27 -3.32 -0.69
C2 WMH B . 0.24 -4.20 -0.51
N1 WMH B . 0.08 -4.38 0.80
N2 WMH B . 0.93 -3.67 1.43
H1 WMH B . 3.64 -2.61 0.96
H2 WMH B . 2.88 -1.52 -0.14
H5 WMH B . -0.34 -4.66 -1.30
N GLY A 1 7.30 1.81 -2.89
CA GLY A 1 7.45 1.62 -1.47
C GLY A 1 6.24 2.10 -0.73
N ARG A 2 5.14 2.18 -1.42
CA ARG A 2 3.92 2.65 -0.85
C ARG A 2 3.05 1.47 -0.50
N ALA A 3 2.62 1.42 0.71
CA ALA A 3 1.72 0.43 1.23
C ALA A 3 0.78 1.06 2.19
N THR A 4 -0.48 0.74 2.06
CA THR A 4 -1.46 1.25 2.96
C THR A 4 -1.62 0.29 4.13
N LYS A 5 -1.52 0.83 5.33
CA LYS A 5 -1.68 0.03 6.53
C LYS A 5 -3.14 -0.33 6.72
N SER A 6 -4.00 0.44 6.12
CA SER A 6 -5.40 0.23 6.21
C SER A 6 -5.91 -0.34 4.91
N ILE A 7 -7.03 -1.03 4.99
CA ILE A 7 -7.65 -1.61 3.83
C ILE A 7 -8.36 -0.49 3.01
N PRO A 8 -8.42 -0.62 1.68
CA PRO A 8 -7.85 -1.75 0.93
C PRO A 8 -6.33 -1.65 0.88
N PRO A 9 -5.60 -2.73 1.22
CA PRO A 9 -4.16 -2.73 1.21
C PRO A 9 -3.63 -2.69 -0.20
N ARG A 10 -3.26 -1.52 -0.63
CA ARG A 10 -2.75 -1.29 -1.95
C ARG A 10 -1.30 -0.99 -1.83
N ALA A 11 -0.50 -1.78 -2.48
CA ALA A 11 0.90 -1.58 -2.43
C ALA A 11 1.42 -1.25 -3.79
N PHE A 12 2.28 -0.29 -3.82
CA PHE A 12 2.81 0.21 -5.06
C PHE A 12 4.32 0.11 -5.02
N PRO A 13 4.94 -0.23 -6.16
CA PRO A 13 6.40 -0.47 -6.27
C PRO A 13 7.34 0.69 -5.85
N ASP A 14 6.78 1.81 -5.44
CA ASP A 14 7.62 2.94 -4.98
C ASP A 14 7.86 2.83 -3.49
N WMH B . 1.65 -2.70 0.72
C WMH B . 2.76 -1.87 0.90
C1 WMH B . 1.15 -3.12 -0.43
C2 WMH B . 0.03 -3.85 -0.15
N1 WMH B . -0.13 -3.87 1.17
N2 WMH B . 0.81 -3.20 1.74
H1 WMH B . 3.63 -2.47 1.11
H2 WMH B . 2.93 -1.40 -0.06
H5 WMH B . -0.61 -4.33 -0.87
N GLY A 1 7.39 1.59 -2.77
CA GLY A 1 7.37 1.42 -1.33
C GLY A 1 6.16 2.06 -0.70
N ARG A 2 5.16 2.26 -1.50
CA ARG A 2 3.94 2.90 -1.06
C ARG A 2 2.92 1.83 -0.73
N ALA A 3 2.58 1.73 0.52
CA ALA A 3 1.64 0.74 1.02
C ALA A 3 0.69 1.34 2.00
N THR A 4 -0.56 1.00 1.89
CA THR A 4 -1.54 1.39 2.85
C THR A 4 -1.56 0.35 3.97
N LYS A 5 -1.72 0.80 5.19
CA LYS A 5 -1.73 -0.11 6.32
C LYS A 5 -3.14 -0.60 6.55
N SER A 6 -4.08 0.27 6.36
CA SER A 6 -5.46 -0.04 6.51
C SER A 6 -6.03 -0.53 5.18
N ILE A 7 -7.17 -1.19 5.24
CA ILE A 7 -7.82 -1.68 4.05
C ILE A 7 -8.41 -0.51 3.25
N PRO A 8 -8.42 -0.58 1.91
CA PRO A 8 -7.85 -1.70 1.15
C PRO A 8 -6.32 -1.61 1.08
N PRO A 9 -5.59 -2.71 1.35
CA PRO A 9 -4.14 -2.71 1.28
C PRO A 9 -3.66 -2.71 -0.17
N ARG A 10 -3.25 -1.57 -0.62
CA ARG A 10 -2.81 -1.40 -1.98
C ARG A 10 -1.37 -0.94 -1.95
N ALA A 11 -0.53 -1.68 -2.63
CA ALA A 11 0.88 -1.39 -2.59
C ALA A 11 1.41 -1.10 -3.96
N PHE A 12 2.33 -0.20 -4.01
CA PHE A 12 2.94 0.23 -5.24
C PHE A 12 4.45 0.00 -5.11
N PRO A 13 5.17 -0.22 -6.24
CA PRO A 13 6.61 -0.57 -6.26
C PRO A 13 7.56 0.54 -5.75
N ASP A 14 7.03 1.66 -5.35
CA ASP A 14 7.86 2.74 -4.83
C ASP A 14 7.89 2.69 -3.31
N WMH B . 1.66 -2.44 0.56
C WMH B . 2.73 -1.56 0.74
C1 WMH B . 1.20 -2.90 -0.58
C2 WMH B . 0.13 -3.70 -0.31
N1 WMH B . -0.03 -3.73 1.01
N2 WMH B . 0.86 -2.99 1.57
H1 WMH B . 3.61 -2.12 1.02
H2 WMH B . 2.92 -1.11 -0.22
H5 WMH B . -0.46 -4.23 -1.04
N GLY A 1 7.31 1.29 -3.03
CA GLY A 1 7.45 0.63 -1.77
C GLY A 1 6.36 0.97 -0.80
N ARG A 2 5.58 1.99 -1.12
CA ARG A 2 4.50 2.41 -0.25
C ARG A 2 3.39 1.39 -0.22
N ALA A 3 2.90 1.15 0.94
CA ALA A 3 1.81 0.24 1.15
C ALA A 3 0.83 0.90 2.06
N THR A 4 -0.42 0.81 1.73
CA THR A 4 -1.44 1.39 2.55
C THR A 4 -1.61 0.51 3.79
N LYS A 5 -1.92 1.14 4.87
CA LYS A 5 -2.08 0.45 6.13
C LYS A 5 -3.55 0.13 6.31
N SER A 6 -4.39 1.01 5.85
CA SER A 6 -5.81 0.84 5.92
C SER A 6 -6.27 -0.17 4.86
N ILE A 7 -7.27 -0.97 5.21
CA ILE A 7 -7.78 -1.97 4.31
C ILE A 7 -8.77 -1.35 3.33
N PRO A 8 -8.74 -1.72 2.04
CA PRO A 8 -7.81 -2.72 1.51
C PRO A 8 -6.41 -2.12 1.23
N PRO A 9 -5.34 -2.82 1.61
CA PRO A 9 -3.99 -2.33 1.42
C PRO A 9 -3.57 -2.33 -0.05
N ARG A 10 -3.08 -1.21 -0.52
CA ARG A 10 -2.58 -1.12 -1.88
C ARG A 10 -1.10 -0.99 -1.77
N ALA A 11 -0.38 -1.59 -2.66
CA ALA A 11 1.04 -1.47 -2.61
C ALA A 11 1.58 -0.90 -3.87
N PHE A 12 2.34 0.11 -3.71
CA PHE A 12 2.84 0.92 -4.75
C PHE A 12 4.27 0.51 -5.08
N PRO A 13 4.67 0.66 -6.36
CA PRO A 13 6.01 0.21 -6.85
C PRO A 13 7.18 0.91 -6.16
N ASP A 14 6.92 2.02 -5.52
CA ASP A 14 7.98 2.75 -4.84
C ASP A 14 8.18 2.20 -3.43
N WMH B . 1.62 -2.97 0.34
C WMH B . 2.68 -2.12 0.67
C1 WMH B . 1.22 -3.30 -0.88
C2 WMH B . 0.16 -4.14 -0.74
N1 WMH B . -0.09 -4.32 0.56
N2 WMH B . 0.77 -3.63 1.24
H1 WMH B . 3.55 -2.71 0.89
H2 WMH B . 2.91 -1.57 -0.24
H5 WMH B . -0.41 -4.58 -1.55
N GLY A 1 7.61 1.20 -3.08
CA GLY A 1 7.68 1.02 -1.66
C GLY A 1 6.75 1.95 -0.95
N ARG A 2 5.48 1.69 -1.09
CA ARG A 2 4.45 2.48 -0.46
C ARG A 2 3.21 1.62 -0.32
N ALA A 3 2.73 1.46 0.88
CA ALA A 3 1.57 0.62 1.18
C ALA A 3 0.72 1.30 2.23
N THR A 4 -0.58 1.34 2.00
CA THR A 4 -1.48 1.94 2.94
C THR A 4 -1.76 1.00 4.10
N LYS A 5 -1.64 1.49 5.33
CA LYS A 5 -1.95 0.68 6.49
C LYS A 5 -3.48 0.67 6.72
N SER A 6 -4.16 -0.01 5.83
CA SER A 6 -5.59 -0.09 5.80
C SER A 6 -5.98 -1.29 4.96
N ILE A 7 -7.22 -1.69 5.00
CA ILE A 7 -7.72 -2.75 4.17
C ILE A 7 -8.89 -2.17 3.35
N PRO A 8 -8.88 -2.29 2.02
CA PRO A 8 -7.82 -2.96 1.23
C PRO A 8 -6.53 -2.16 1.20
N PRO A 9 -5.39 -2.84 1.30
CA PRO A 9 -4.10 -2.19 1.25
C PRO A 9 -3.69 -1.88 -0.20
N ARG A 10 -3.40 -0.64 -0.45
CA ARG A 10 -2.97 -0.21 -1.75
C ARG A 10 -1.49 -0.03 -1.70
N ALA A 11 -0.80 -0.63 -2.64
CA ALA A 11 0.63 -0.53 -2.63
C ALA A 11 1.12 -0.04 -3.97
N PHE A 12 2.31 0.47 -3.95
CA PHE A 12 3.00 0.94 -5.12
C PHE A 12 4.37 0.28 -5.12
N PRO A 13 4.90 -0.09 -6.30
CA PRO A 13 6.15 -0.85 -6.42
C PRO A 13 7.39 -0.09 -5.93
N ASP A 14 7.27 1.20 -5.69
CA ASP A 14 8.42 1.99 -5.22
C ASP A 14 8.55 1.88 -3.71
N WMH B . 1.31 -2.50 0.15
C WMH B . 2.40 -1.74 0.57
C1 WMH B . 0.81 -2.58 -1.06
C2 WMH B . -0.26 -3.40 -1.02
N1 WMH B . -0.41 -3.83 0.24
N2 WMH B . 0.52 -3.31 0.97
H1 WMH B . 3.24 -2.39 0.76
H2 WMH B . 2.67 -1.14 -0.28
H5 WMH B . -0.89 -3.67 -1.85
N GLY A 1 7.46 1.67 -3.25
CA GLY A 1 7.77 1.16 -1.96
C GLY A 1 6.93 1.79 -0.90
N ARG A 2 5.65 1.52 -0.95
CA ARG A 2 4.72 2.02 0.02
C ARG A 2 3.57 1.06 0.08
N ALA A 3 3.03 0.83 1.23
CA ALA A 3 1.91 -0.06 1.41
C ALA A 3 0.88 0.57 2.30
N THR A 4 -0.37 0.42 1.94
CA THR A 4 -1.44 1.05 2.68
C THR A 4 -1.65 0.38 4.02
N LYS A 5 -1.75 1.18 5.05
CA LYS A 5 -1.96 0.68 6.38
C LYS A 5 -3.44 0.50 6.63
N SER A 6 -4.23 1.20 5.87
CA SER A 6 -5.65 1.09 5.94
C SER A 6 -6.14 0.21 4.78
N ILE A 7 -7.29 -0.42 4.95
CA ILE A 7 -7.85 -1.25 3.91
C ILE A 7 -8.38 -0.43 2.74
N PRO A 8 -8.39 -0.97 1.53
CA PRO A 8 -7.88 -2.33 1.23
C PRO A 8 -6.34 -2.35 1.11
N PRO A 9 -5.71 -3.53 1.26
CA PRO A 9 -4.26 -3.68 1.08
C PRO A 9 -3.85 -3.37 -0.35
N ARG A 10 -3.14 -2.30 -0.50
CA ARG A 10 -2.68 -1.85 -1.77
C ARG A 10 -1.27 -1.36 -1.60
N ALA A 11 -0.41 -1.75 -2.48
CA ALA A 11 0.95 -1.36 -2.38
C ALA A 11 1.36 -0.63 -3.62
N PHE A 12 2.26 0.27 -3.45
CA PHE A 12 2.70 1.13 -4.50
C PHE A 12 4.11 0.74 -4.91
N PRO A 13 4.41 0.73 -6.23
CA PRO A 13 5.70 0.26 -6.78
C PRO A 13 6.92 1.04 -6.26
N ASP A 14 6.69 2.21 -5.70
CA ASP A 14 7.76 3.06 -5.19
C ASP A 14 8.15 2.65 -3.78
N WMH B . 1.88 -3.23 0.37
C WMH B . 2.86 -2.36 0.83
C1 WMH B . 1.44 -3.36 -0.86
C2 WMH B . 0.47 -4.30 -0.87
N1 WMH B . 0.31 -4.75 0.36
N2 WMH B . 1.13 -4.14 1.15
H1 WMH B . 3.77 -2.88 1.00
H2 WMH B . 3.06 -1.70 0.01
H5 WMH B . -0.09 -4.62 -1.73
N GLY A 1 7.35 2.29 -3.36
CA GLY A 1 7.45 2.43 -1.93
C GLY A 1 6.22 3.04 -1.32
N ARG A 2 5.19 2.24 -1.17
CA ARG A 2 3.95 2.67 -0.56
C ARG A 2 3.06 1.47 -0.31
N ALA A 3 2.60 1.35 0.89
CA ALA A 3 1.67 0.34 1.31
C ALA A 3 0.70 0.90 2.31
N THR A 4 -0.53 0.62 2.12
CA THR A 4 -1.51 1.07 3.03
C THR A 4 -1.79 -0.01 4.05
N LYS A 5 -1.63 0.35 5.31
CA LYS A 5 -1.85 -0.59 6.39
C LYS A 5 -3.34 -0.61 6.72
N SER A 6 -4.04 0.26 6.07
CA SER A 6 -5.45 0.38 6.17
C SER A 6 -6.11 -0.53 5.12
N ILE A 7 -7.37 -0.76 5.23
CA ILE A 7 -8.08 -1.56 4.26
C ILE A 7 -8.87 -0.67 3.31
N PRO A 8 -8.82 -0.95 1.99
CA PRO A 8 -8.05 -2.04 1.41
C PRO A 8 -6.56 -1.67 1.20
N PRO A 9 -5.65 -2.65 1.31
CA PRO A 9 -4.23 -2.43 1.11
C PRO A 9 -3.87 -2.28 -0.38
N ARG A 10 -3.23 -1.21 -0.70
CA ARG A 10 -2.75 -0.93 -2.04
C ARG A 10 -1.27 -0.72 -1.94
N ALA A 11 -0.50 -1.49 -2.65
CA ALA A 11 0.92 -1.34 -2.56
C ALA A 11 1.53 -0.97 -3.88
N PHE A 12 2.54 -0.16 -3.81
CA PHE A 12 3.23 0.35 -4.95
C PHE A 12 4.70 -0.01 -4.85
N PRO A 13 5.30 -0.55 -5.94
CA PRO A 13 6.72 -0.96 -5.95
C PRO A 13 7.69 0.19 -5.71
N ASP A 14 7.23 1.43 -5.89
CA ASP A 14 8.07 2.60 -5.65
C ASP A 14 8.25 2.84 -4.15
N WMH B . 1.57 -2.75 0.56
C WMH B . 2.70 -1.96 0.84
C1 WMH B . 1.07 -3.04 -0.63
C2 WMH B . -0.06 -3.76 -0.43
N1 WMH B . -0.23 -3.92 0.87
N2 WMH B . 0.71 -3.34 1.51
H1 WMH B . 3.53 -2.61 1.08
H2 WMH B . 2.94 -1.44 -0.07
H5 WMH B . -0.71 -4.14 -1.21
N GLY A 1 7.50 2.07 -3.24
CA GLY A 1 7.48 2.03 -1.80
C GLY A 1 6.34 2.76 -1.18
N ARG A 2 5.18 2.17 -1.21
CA ARG A 2 4.00 2.72 -0.59
C ARG A 2 2.98 1.62 -0.38
N ALA A 3 2.86 1.20 0.83
CA ALA A 3 1.89 0.21 1.22
C ALA A 3 1.04 0.79 2.30
N THR A 4 -0.24 0.63 2.18
CA THR A 4 -1.13 1.16 3.14
C THR A 4 -1.51 0.09 4.15
N LYS A 5 -1.67 0.50 5.38
CA LYS A 5 -2.10 -0.40 6.42
C LYS A 5 -3.62 -0.33 6.56
N SER A 6 -4.21 0.53 5.79
CA SER A 6 -5.63 0.67 5.73
C SER A 6 -6.21 -0.40 4.81
N ILE A 7 -7.49 -0.63 4.91
CA ILE A 7 -8.15 -1.65 4.12
C ILE A 7 -8.95 -0.99 3.00
N PRO A 8 -8.82 -1.44 1.74
CA PRO A 8 -7.94 -2.55 1.34
C PRO A 8 -6.48 -2.09 1.21
N PRO A 9 -5.52 -2.94 1.59
CA PRO A 9 -4.10 -2.59 1.51
C PRO A 9 -3.66 -2.38 0.06
N ARG A 10 -3.21 -1.20 -0.23
CA ARG A 10 -2.79 -0.85 -1.56
C ARG A 10 -1.32 -0.61 -1.55
N ALA A 11 -0.63 -1.23 -2.47
CA ALA A 11 0.80 -1.10 -2.52
C ALA A 11 1.25 -0.60 -3.87
N PHE A 12 2.33 0.11 -3.84
CA PHE A 12 2.92 0.68 -5.03
C PHE A 12 4.40 0.30 -5.09
N PRO A 13 4.89 -0.06 -6.29
CA PRO A 13 6.26 -0.56 -6.54
C PRO A 13 7.39 0.16 -5.80
N ASP A 14 7.49 1.47 -5.94
CA ASP A 14 8.62 2.24 -5.39
C ASP A 14 8.63 2.26 -3.86
N WMH B . 1.66 -2.83 0.32
C WMH B . 2.81 -2.09 0.59
C1 WMH B . 1.08 -3.00 -0.85
C2 WMH B . -0.04 -3.75 -0.66
N1 WMH B . -0.14 -4.04 0.63
N2 WMH B . 0.86 -3.52 1.26
H1 WMH B . 3.64 -2.77 0.74
H2 WMH B . 3.01 -1.52 -0.30
H5 WMH B . -0.73 -4.05 -1.43
#